data_5HHX
#
_entry.id   5HHX
#
_cell.length_a   113.400
_cell.length_b   113.400
_cell.length_c   86.790
_cell.angle_alpha   90.00
_cell.angle_beta   90.00
_cell.angle_gamma   120.00
#
_symmetry.space_group_name_H-M   'P 3 2 1'
#
loop_
_entity.id
_entity.type
_entity.pdbx_description
1 polymer Interleukin-17A
2 polymer 'CAT-2000 FAB heavy chain'
3 polymer 'IL-17A peptide inhibitor'
4 polymer 'CAT-2000 FAB light chain'
5 water water
#
loop_
_entity_poly.entity_id
_entity_poly.type
_entity_poly.pdbx_seq_one_letter_code
_entity_poly.pdbx_strand_id
1 'polypeptide(L)'
;DPIVKAGITIPRNPGCPNSEDKNFPRTVMVNLNIHNRNTNTNPKRSSDYYNRSTSPWNLHRNEDPERYPSVIWEAKCRHL
GCINADGNVDYHMNSVPIQQEILVLRREPPHCPNSFRLEKILVSVGCTCVTPIVHHVA
;
A,B
2 'polypeptide(L)'
;GSHHHHHHGSENLYFQGEVQLLESGGGLVQPGGSLRLSCAASGFTFSSYAMSWVRQAPGKGLEWVSAISGSGGSTYYADS
VKGRFTISRDNSKNTLYLQMNSLRAEDTAVYYCARDLIHGVTRNWGQGTLVTVSSASTKGPSVFPLAPSSKSTSGGTAAL
GCLVKDYFPQPVTVSWNSGALTSGVHTFPAVLQSSGLYSLSSVVTVPSSSLGTQTYICNVNHKPSNTKVDKKVEPKS
;
H
3 'polypeptide(L)' (ACE)IHVTIPADLWDWINK I
4 'polypeptide(L)'
;NFMLTQPHSVSESPGKTVTISCTRSSGSLANYYVQWYQQRPGSSPTIVIFANNQRPSGVPDRFSGSIDSSSNSASLTISG
LKTEDEADYYCQTYDPYSVVFGGGTKLTVLGQPKAAPSVTLFPPSSEELQANKATLVCLISDFYPGAVTVAWKADSSPVK
AGVETTTPSKQSNNKYAASSYLSLTPEQWKSHRSYSCQVTHEGSTVEKTVAPTE
;
L
#
# COMPACT_ATOMS: atom_id res chain seq x y z
N ASN A 42 28.94 38.30 -4.45
CA ASN A 42 27.77 38.43 -3.57
C ASN A 42 26.56 39.04 -4.34
N PRO A 43 25.49 38.25 -4.63
CA PRO A 43 24.30 38.83 -5.28
C PRO A 43 23.46 39.62 -4.27
N LYS A 44 23.68 39.43 -2.93
CA LYS A 44 23.07 40.18 -1.80
C LYS A 44 23.42 41.70 -2.01
N ARG A 45 24.46 41.94 -2.83
CA ARG A 45 25.04 43.19 -3.30
C ARG A 45 24.78 43.40 -4.84
N SER A 46 24.60 42.31 -5.63
CA SER A 46 24.39 42.44 -7.09
C SER A 46 22.93 42.40 -7.52
N SER A 47 22.20 41.30 -7.24
CA SER A 47 20.79 41.13 -7.59
C SER A 47 19.91 41.01 -6.35
N ASP A 48 18.87 41.83 -6.30
CA ASP A 48 17.95 41.81 -5.17
C ASP A 48 16.68 40.96 -5.42
N TYR A 49 16.70 40.06 -6.44
CA TYR A 49 15.53 39.21 -6.73
C TYR A 49 15.08 38.39 -5.51
N TYR A 50 16.05 37.85 -4.72
CA TYR A 50 15.77 37.02 -3.56
C TYR A 50 14.63 37.54 -2.71
N ASN A 51 14.54 38.86 -2.57
CA ASN A 51 13.58 39.56 -1.74
C ASN A 51 12.28 39.94 -2.46
N ARG A 52 12.27 39.90 -3.80
CA ARG A 52 11.13 40.32 -4.64
C ARG A 52 10.46 39.19 -5.37
N SER A 53 10.93 37.96 -5.11
CA SER A 53 10.44 36.71 -5.67
C SER A 53 9.14 36.34 -4.98
N THR A 54 8.28 35.53 -5.65
CA THR A 54 7.02 35.02 -5.05
C THR A 54 7.44 33.83 -4.20
N SER A 55 8.66 33.34 -4.47
CA SER A 55 9.37 32.23 -3.87
C SER A 55 10.66 32.81 -3.25
N PRO A 56 10.59 33.84 -2.35
CA PRO A 56 11.81 34.46 -1.83
C PRO A 56 12.73 33.53 -1.04
N TRP A 57 14.03 33.82 -1.10
CA TRP A 57 14.98 32.99 -0.40
C TRP A 57 15.99 33.78 0.36
N ASN A 58 16.70 33.07 1.22
CA ASN A 58 17.75 33.57 2.08
C ASN A 58 19.10 33.08 1.57
N LEU A 59 20.19 33.75 1.93
CA LEU A 59 21.52 33.33 1.50
C LEU A 59 22.32 32.75 2.62
N HIS A 60 23.09 31.71 2.33
CA HIS A 60 23.88 31.04 3.34
C HIS A 60 25.31 30.93 2.94
N ARG A 61 26.22 31.43 3.79
CA ARG A 61 27.62 31.36 3.41
C ARG A 61 28.22 30.02 3.82
N ASN A 62 28.47 29.23 2.78
CA ASN A 62 29.14 27.95 2.81
C ASN A 62 30.60 28.39 2.60
N GLU A 63 31.31 28.61 3.71
CA GLU A 63 32.71 29.00 3.74
C GLU A 63 33.58 27.71 3.86
N ASP A 64 34.78 27.70 3.25
CA ASP A 64 35.77 26.62 3.28
C ASP A 64 37.09 27.13 2.74
N PRO A 65 38.16 27.18 3.56
CA PRO A 65 39.44 27.69 3.03
C PRO A 65 40.14 26.73 2.08
N GLU A 66 39.92 25.40 2.24
CA GLU A 66 40.57 24.39 1.43
C GLU A 66 39.86 24.13 0.08
N ARG A 67 38.99 25.06 -0.38
CA ARG A 67 38.41 24.92 -1.72
C ARG A 67 38.20 26.29 -2.40
N TYR A 68 38.26 26.32 -3.73
CA TYR A 68 38.12 27.54 -4.50
C TYR A 68 36.90 27.43 -5.39
N PRO A 69 35.91 28.36 -5.35
CA PRO A 69 35.75 29.51 -4.44
C PRO A 69 35.54 29.14 -2.99
N SER A 70 36.28 29.79 -2.09
CA SER A 70 36.25 29.51 -0.64
C SER A 70 34.90 29.77 0.00
N VAL A 71 34.27 30.90 -0.32
CA VAL A 71 32.96 31.20 0.19
C VAL A 71 31.92 31.10 -0.95
N ILE A 72 30.79 30.41 -0.69
CA ILE A 72 29.68 30.23 -1.66
C ILE A 72 28.34 30.61 -1.02
N TRP A 73 27.54 31.44 -1.74
CA TRP A 73 26.22 31.86 -1.30
C TRP A 73 25.11 30.91 -1.82
N GLU A 74 24.63 29.98 -0.95
CA GLU A 74 23.57 29.00 -1.25
C GLU A 74 22.23 29.54 -0.76
N ALA A 75 21.20 29.42 -1.61
CA ALA A 75 19.85 29.89 -1.34
C ALA A 75 18.92 28.90 -0.65
N LYS A 76 18.38 29.28 0.51
CA LYS A 76 17.40 28.47 1.25
C LYS A 76 16.07 29.24 1.19
N CYS A 77 15.01 28.58 0.66
CA CYS A 77 13.68 29.15 0.50
C CYS A 77 13.12 29.71 1.83
N ARG A 78 12.44 30.87 1.78
CA ARG A 78 11.91 31.49 3.00
C ARG A 78 10.72 30.69 3.54
N HIS A 79 9.82 30.27 2.64
CA HIS A 79 8.61 29.56 3.01
C HIS A 79 8.37 28.30 2.19
N LEU A 80 7.40 27.50 2.63
CA LEU A 80 6.93 26.33 1.91
C LEU A 80 6.02 26.88 0.82
N GLY A 81 4.98 27.63 1.17
CA GLY A 81 4.06 28.23 0.22
C GLY A 81 4.67 29.38 -0.57
N CYS A 82 3.83 30.15 -1.30
CA CYS A 82 4.30 31.27 -2.10
C CYS A 82 3.56 32.56 -1.82
N ILE A 83 4.13 33.70 -2.24
CA ILE A 83 3.49 35.00 -2.08
C ILE A 83 2.55 35.20 -3.25
N ASN A 84 1.24 35.31 -2.96
CA ASN A 84 0.27 35.49 -4.03
C ASN A 84 0.16 36.97 -4.43
N ALA A 85 -0.98 37.35 -5.03
CA ALA A 85 -1.27 38.72 -5.45
C ALA A 85 -1.49 39.60 -4.21
N ASP A 86 -2.42 39.17 -3.32
CA ASP A 86 -2.79 39.85 -2.08
C ASP A 86 -1.60 40.04 -1.12
N GLY A 87 -0.54 39.26 -1.32
CA GLY A 87 0.68 39.33 -0.53
C GLY A 87 0.68 38.43 0.69
N ASN A 88 0.00 37.28 0.59
CA ASN A 88 -0.07 36.28 1.64
C ASN A 88 0.66 35.04 1.18
N VAL A 89 1.09 34.19 2.13
CA VAL A 89 1.75 32.95 1.78
C VAL A 89 0.60 32.01 1.39
N ASP A 90 0.71 31.42 0.19
CA ASP A 90 -0.29 30.59 -0.45
C ASP A 90 0.23 29.16 -0.56
N TYR A 91 -0.51 28.22 0.05
CA TYR A 91 -0.10 26.83 0.12
C TYR A 91 -0.71 25.95 -1.02
N HIS A 92 -1.09 26.58 -2.15
CA HIS A 92 -1.60 25.91 -3.37
C HIS A 92 -0.43 25.77 -4.37
N MET A 93 0.79 26.07 -3.90
CA MET A 93 2.05 26.05 -4.63
C MET A 93 3.22 26.11 -3.67
N ASN A 94 4.33 25.50 -4.06
CA ASN A 94 5.49 25.46 -3.20
C ASN A 94 6.69 26.17 -3.77
N SER A 95 7.39 26.95 -2.92
CA SER A 95 8.68 27.55 -3.22
C SER A 95 9.66 26.36 -3.16
N VAL A 96 10.45 26.13 -4.23
CA VAL A 96 11.38 25.01 -4.32
C VAL A 96 12.79 25.49 -4.73
N PRO A 97 13.89 24.95 -4.13
CA PRO A 97 15.22 25.36 -4.58
C PRO A 97 15.58 24.93 -6.02
N ILE A 98 16.60 25.61 -6.60
CA ILE A 98 17.12 25.35 -7.93
C ILE A 98 18.62 25.00 -7.87
N GLN A 99 18.91 23.71 -8.02
CA GLN A 99 20.28 23.18 -8.06
C GLN A 99 20.97 23.44 -9.43
N GLN A 100 22.31 23.35 -9.44
CA GLN A 100 23.20 23.54 -10.60
C GLN A 100 24.57 22.90 -10.26
N GLU A 101 25.11 22.07 -11.17
CA GLU A 101 26.42 21.48 -10.89
C GLU A 101 27.52 22.50 -11.26
N ILE A 102 28.49 22.74 -10.35
CA ILE A 102 29.58 23.72 -10.58
C ILE A 102 30.97 23.08 -10.34
N LEU A 103 31.97 23.47 -11.15
CA LEU A 103 33.31 22.98 -10.98
C LEU A 103 33.95 23.72 -9.83
N VAL A 104 34.79 23.05 -9.05
CA VAL A 104 35.54 23.65 -7.95
C VAL A 104 36.90 22.98 -7.84
N LEU A 105 37.86 23.72 -7.28
CA LEU A 105 39.20 23.25 -6.97
C LEU A 105 39.23 23.02 -5.48
N ARG A 106 40.02 22.02 -5.01
CA ARG A 106 40.25 21.71 -3.59
C ARG A 106 41.77 21.54 -3.40
N ARG A 107 42.27 21.53 -2.15
CA ARG A 107 43.71 21.42 -1.86
C ARG A 107 44.05 20.61 -0.58
N GLU A 108 45.22 19.92 -0.55
CA GLU A 108 45.69 19.14 0.62
C GLU A 108 46.83 19.91 1.34
N PRO A 109 46.74 20.35 2.65
CA PRO A 109 45.72 20.13 3.70
C PRO A 109 44.25 20.02 3.29
N PRO A 113 50.01 21.92 0.81
CA PRO A 113 49.67 22.74 -0.37
C PRO A 113 50.11 22.12 -1.72
N ASN A 114 50.66 20.88 -1.68
CA ASN A 114 51.22 20.14 -2.83
C ASN A 114 50.22 19.35 -3.71
N SER A 115 48.91 19.39 -3.40
CA SER A 115 47.94 18.66 -4.23
C SER A 115 46.62 19.40 -4.41
N PHE A 116 46.03 19.30 -5.61
CA PHE A 116 44.78 19.97 -5.98
C PHE A 116 43.83 19.04 -6.69
N ARG A 117 42.54 19.33 -6.60
CA ARG A 117 41.56 18.46 -7.21
C ARG A 117 40.37 19.21 -7.79
N LEU A 118 40.10 19.00 -9.09
CA LEU A 118 38.95 19.56 -9.77
C LEU A 118 37.77 18.62 -9.55
N GLU A 119 36.69 19.14 -8.97
CA GLU A 119 35.50 18.33 -8.64
C GLU A 119 34.22 19.09 -8.94
N LYS A 120 33.17 18.36 -9.26
CA LYS A 120 31.88 18.95 -9.53
C LYS A 120 31.01 18.91 -8.25
N ILE A 121 30.42 20.04 -7.86
CA ILE A 121 29.55 20.08 -6.68
C ILE A 121 28.16 20.62 -7.06
N LEU A 122 27.11 20.27 -6.30
CA LEU A 122 25.76 20.73 -6.56
C LEU A 122 25.37 21.84 -5.57
N VAL A 123 25.10 23.02 -6.12
CA VAL A 123 24.74 24.22 -5.37
C VAL A 123 23.33 24.75 -5.77
N SER A 124 22.60 25.27 -4.77
CA SER A 124 21.26 25.81 -4.92
C SER A 124 21.28 27.32 -5.07
N VAL A 125 21.13 27.77 -6.34
CA VAL A 125 21.15 29.14 -6.89
C VAL A 125 19.98 30.02 -6.45
N GLY A 126 18.82 29.40 -6.29
CA GLY A 126 17.63 30.17 -5.90
C GLY A 126 16.37 29.35 -5.80
N CYS A 127 15.24 30.03 -5.61
CA CYS A 127 13.95 29.36 -5.52
C CYS A 127 12.98 29.81 -6.60
N THR A 128 12.15 28.88 -7.05
CA THR A 128 11.06 29.05 -8.00
C THR A 128 9.79 28.49 -7.33
N CYS A 129 8.63 28.82 -7.84
CA CYS A 129 7.37 28.39 -7.26
C CYS A 129 6.73 27.36 -8.18
N VAL A 130 6.58 26.12 -7.68
CA VAL A 130 6.00 25.06 -8.49
C VAL A 130 4.50 24.95 -8.22
N THR A 131 3.72 24.52 -9.24
CA THR A 131 2.27 24.36 -9.14
C THR A 131 1.79 23.02 -9.64
N PRO A 132 0.75 22.44 -9.03
CA PRO A 132 0.22 21.17 -9.54
C PRO A 132 -0.49 21.37 -10.88
N ILE A 133 -1.33 22.41 -10.98
CA ILE A 133 -2.09 22.75 -12.18
C ILE A 133 -1.17 23.36 -13.25
N VAL A 134 -1.37 22.99 -14.54
CA VAL A 134 -0.61 23.46 -15.70
C VAL A 134 -1.58 23.85 -16.83
N THR B 27 55.72 28.22 -12.90
CA THR B 27 56.31 26.95 -13.36
C THR B 27 56.39 25.85 -12.26
N VAL B 28 55.99 24.59 -12.61
CA VAL B 28 55.98 23.39 -11.75
C VAL B 28 55.88 22.10 -12.52
N MET B 29 56.40 21.02 -11.90
CA MET B 29 56.29 19.64 -12.40
C MET B 29 54.89 19.18 -12.00
N VAL B 30 54.05 18.86 -12.99
CA VAL B 30 52.68 18.49 -12.69
C VAL B 30 52.37 17.05 -13.11
N ASN B 31 52.03 16.23 -12.11
CA ASN B 31 51.60 14.85 -12.32
C ASN B 31 50.10 14.90 -12.22
N LEU B 32 49.37 14.44 -13.23
CA LEU B 32 47.93 14.50 -13.06
C LEU B 32 47.26 13.15 -13.24
N ASN B 33 46.23 12.91 -12.41
CA ASN B 33 45.45 11.67 -12.37
C ASN B 33 43.99 11.97 -12.66
N ILE B 34 43.23 10.92 -13.02
CA ILE B 34 41.79 10.99 -13.29
C ILE B 34 41.03 10.49 -12.03
N HIS B 35 39.69 10.65 -11.99
CA HIS B 35 38.85 10.20 -10.88
C HIS B 35 37.46 9.87 -11.38
N ASN B 36 36.90 8.71 -10.98
CA ASN B 36 35.53 8.31 -11.31
C ASN B 36 34.82 7.59 -10.15
N GLU C 18 5.60 5.25 -17.89
CA GLU C 18 4.55 5.10 -16.86
C GLU C 18 5.14 5.10 -15.42
N VAL C 19 4.56 5.95 -14.53
CA VAL C 19 4.99 6.13 -13.12
C VAL C 19 4.81 4.82 -12.30
N GLN C 20 5.91 4.32 -11.68
CA GLN C 20 5.90 3.09 -10.88
C GLN C 20 6.61 3.27 -9.53
N LEU C 21 5.94 2.89 -8.43
CA LEU C 21 6.47 2.99 -7.06
C LEU C 21 6.50 1.59 -6.39
N LEU C 22 7.71 1.02 -6.17
CA LEU C 22 7.87 -0.34 -5.62
C LEU C 22 8.49 -0.42 -4.24
N GLU C 23 7.63 -0.58 -3.23
CA GLU C 23 8.04 -0.77 -1.85
C GLU C 23 8.63 -2.17 -1.65
N SER C 24 9.43 -2.28 -0.58
CA SER C 24 10.18 -3.43 -0.12
C SER C 24 10.72 -3.10 1.26
N GLY C 25 10.97 -4.13 2.05
CA GLY C 25 11.54 -4.01 3.37
C GLY C 25 10.68 -4.58 4.44
N GLY C 26 9.38 -4.73 4.13
CA GLY C 26 8.35 -5.24 5.04
C GLY C 26 8.72 -6.52 5.74
N GLY C 27 8.30 -6.70 6.98
CA GLY C 27 8.59 -7.94 7.68
C GLY C 27 8.05 -8.04 9.09
N LEU C 28 8.32 -9.18 9.71
CA LEU C 28 7.91 -9.35 11.10
C LEU C 28 9.02 -8.82 12.01
N VAL C 29 8.68 -7.92 12.93
CA VAL C 29 9.72 -7.47 13.84
C VAL C 29 9.17 -7.46 15.28
N GLN C 30 10.07 -7.61 16.23
CA GLN C 30 9.75 -7.57 17.64
C GLN C 30 9.47 -6.11 17.98
N PRO C 31 8.68 -5.83 19.04
CA PRO C 31 8.47 -4.45 19.46
C PRO C 31 9.78 -3.91 20.02
N GLY C 32 10.09 -2.65 19.69
CA GLY C 32 11.33 -1.99 20.06
C GLY C 32 12.33 -2.13 18.92
N GLY C 33 11.90 -2.92 17.93
CA GLY C 33 12.59 -3.21 16.69
C GLY C 33 12.73 -2.06 15.72
N SER C 34 13.57 -2.30 14.73
CA SER C 34 13.95 -1.35 13.73
C SER C 34 13.88 -2.00 12.37
N LEU C 35 13.43 -1.24 11.34
CA LEU C 35 13.22 -1.74 9.99
C LEU C 35 13.36 -0.66 8.87
N ARG C 36 13.85 -1.05 7.65
CA ARG C 36 14.01 -0.02 6.61
C ARG C 36 13.28 -0.27 5.26
N LEU C 37 12.17 0.46 5.12
CA LEU C 37 11.37 0.41 3.91
C LEU C 37 12.10 1.16 2.82
N SER C 38 11.95 0.69 1.58
CA SER C 38 12.57 1.25 0.36
C SER C 38 11.52 1.30 -0.71
N CYS C 39 11.58 2.31 -1.55
CA CYS C 39 10.58 2.43 -2.58
C CYS C 39 11.28 2.85 -3.83
N ALA C 40 11.42 1.96 -4.80
CA ALA C 40 12.12 2.34 -6.01
C ALA C 40 11.18 3.00 -7.00
N ALA C 41 11.55 4.22 -7.43
CA ALA C 41 10.72 5.02 -8.31
C ALA C 41 11.20 5.05 -9.76
N SER C 42 10.24 5.13 -10.68
CA SER C 42 10.46 5.18 -12.12
C SER C 42 9.28 5.87 -12.83
N GLY C 43 9.51 6.41 -14.02
CA GLY C 43 8.47 7.05 -14.82
C GLY C 43 8.37 8.55 -14.63
N PHE C 44 9.25 9.12 -13.82
CA PHE C 44 9.27 10.54 -13.55
C PHE C 44 10.66 11.04 -13.13
N THR C 45 10.84 12.38 -13.11
CA THR C 45 12.05 13.09 -12.66
C THR C 45 12.01 13.13 -11.11
N PHE C 46 12.36 12.00 -10.49
CA PHE C 46 12.32 11.74 -9.06
C PHE C 46 12.89 12.86 -8.23
N SER C 47 14.03 13.44 -8.69
CA SER C 47 14.71 14.48 -7.92
C SER C 47 13.86 15.71 -7.66
N SER C 48 12.88 15.97 -8.55
CA SER C 48 12.02 17.16 -8.47
C SER C 48 10.56 16.84 -8.00
N TYR C 49 10.40 15.89 -7.07
CA TYR C 49 9.08 15.54 -6.53
C TYR C 49 9.06 15.21 -5.03
N ALA C 50 8.01 15.68 -4.35
CA ALA C 50 7.85 15.43 -2.92
C ALA C 50 7.35 14.01 -2.74
N MET C 51 7.91 13.28 -1.78
CA MET C 51 7.49 11.91 -1.56
C MET C 51 6.78 11.75 -0.24
N SER C 52 5.94 10.73 -0.13
CA SER C 52 5.17 10.45 1.08
C SER C 52 5.15 8.97 1.37
N TRP C 53 4.97 8.63 2.64
CA TRP C 53 4.77 7.26 3.12
C TRP C 53 3.43 7.32 3.85
N VAL C 54 2.51 6.43 3.43
CA VAL C 54 1.16 6.40 4.03
C VAL C 54 0.96 4.99 4.57
N ARG C 55 0.25 4.80 5.70
CA ARG C 55 -0.01 3.43 6.15
C ARG C 55 -1.47 3.15 6.30
N GLN C 56 -1.83 1.89 6.44
CA GLN C 56 -3.20 1.45 6.65
C GLN C 56 -3.17 0.20 7.51
N ALA C 57 -3.63 0.33 8.79
CA ALA C 57 -3.66 -0.80 9.76
C ALA C 57 -4.68 -1.81 9.30
N PRO C 58 -4.42 -3.11 9.50
CA PRO C 58 -5.31 -4.11 8.89
C PRO C 58 -6.73 -4.07 9.43
N GLY C 59 -7.62 -3.60 8.55
CA GLY C 59 -9.03 -3.41 8.83
C GLY C 59 -9.41 -1.98 9.11
N LYS C 60 -8.41 -1.08 9.13
CA LYS C 60 -8.65 0.34 9.39
C LYS C 60 -8.42 1.11 8.10
N GLY C 61 -8.46 2.44 8.16
CA GLY C 61 -8.27 3.28 6.98
C GLY C 61 -6.85 3.79 6.75
N LEU C 62 -6.69 4.73 5.78
CA LEU C 62 -5.40 5.34 5.44
C LEU C 62 -4.95 6.36 6.51
N GLU C 63 -3.66 6.39 6.84
CA GLU C 63 -3.09 7.29 7.86
C GLU C 63 -1.69 7.82 7.45
N TRP C 64 -1.60 9.12 7.16
CA TRP C 64 -0.34 9.73 6.76
C TRP C 64 0.79 9.39 7.73
N VAL C 65 2.00 9.08 7.21
CA VAL C 65 3.10 8.73 8.11
C VAL C 65 4.20 9.76 8.02
N SER C 66 4.71 10.01 6.82
CA SER C 66 5.74 11.02 6.70
C SER C 66 5.85 11.62 5.27
N ALA C 67 6.59 12.74 5.13
CA ALA C 67 6.81 13.44 3.86
C ALA C 67 8.23 13.99 3.74
N ILE C 68 8.72 14.05 2.52
CA ILE C 68 10.05 14.58 2.22
C ILE C 68 10.00 15.41 0.94
N SER C 69 10.66 16.59 0.92
CA SER C 69 10.76 17.45 -0.27
C SER C 69 11.61 16.77 -1.34
N GLY C 70 11.61 17.36 -2.54
CA GLY C 70 12.39 16.89 -3.68
C GLY C 70 13.87 16.87 -3.36
N SER C 71 14.35 17.95 -2.71
CA SER C 71 15.74 18.18 -2.26
C SER C 71 16.14 17.28 -1.11
N GLY C 72 15.21 17.01 -0.21
CA GLY C 72 15.43 16.24 1.00
C GLY C 72 15.76 17.16 2.17
N GLY C 73 15.70 18.47 1.91
CA GLY C 73 15.93 19.52 2.91
C GLY C 73 14.72 19.91 3.74
N SER C 74 13.55 19.33 3.42
CA SER C 74 12.29 19.52 4.13
C SER C 74 11.73 18.17 4.50
N THR C 75 11.38 18.00 5.79
CA THR C 75 11.01 16.72 6.39
C THR C 75 9.80 16.87 7.30
N TYR C 76 8.75 16.08 7.04
CA TYR C 76 7.45 16.19 7.74
C TYR C 76 6.99 14.89 8.44
N TYR C 77 6.43 14.94 9.67
CA TYR C 77 6.08 13.69 10.37
C TYR C 77 4.82 13.68 11.19
N ALA C 78 3.96 12.65 11.02
CA ALA C 78 2.76 12.45 11.86
C ALA C 78 3.17 12.33 13.32
N ASP C 79 2.46 13.02 14.23
CA ASP C 79 2.71 13.05 15.67
C ASP C 79 3.12 11.69 16.24
N SER C 80 2.36 10.64 15.91
CA SER C 80 2.63 9.30 16.37
C SER C 80 4.06 8.76 16.08
N VAL C 81 4.64 9.08 14.92
CA VAL C 81 5.96 8.57 14.53
C VAL C 81 7.12 9.58 14.73
N LYS C 82 6.81 10.82 15.14
CA LYS C 82 7.85 11.86 15.35
C LYS C 82 8.87 11.39 16.40
N GLY C 83 10.17 11.52 16.03
CA GLY C 83 11.31 11.12 16.84
C GLY C 83 11.70 9.66 16.70
N ARG C 84 10.87 8.83 16.00
CA ARG C 84 11.16 7.41 15.82
C ARG C 84 11.36 7.09 14.37
N PHE C 85 10.52 7.62 13.49
CA PHE C 85 10.75 7.30 12.08
C PHE C 85 11.57 8.41 11.44
N THR C 86 12.31 8.09 10.37
CA THR C 86 13.15 9.07 9.69
C THR C 86 13.05 8.90 8.19
N ILE C 87 12.53 9.90 7.52
CA ILE C 87 12.43 9.82 6.08
C ILE C 87 13.72 10.37 5.44
N SER C 88 14.13 9.78 4.33
CA SER C 88 15.31 10.13 3.52
C SER C 88 15.17 9.68 2.05
N ARG C 89 15.96 10.29 1.18
CA ARG C 89 15.88 9.88 -0.21
C ARG C 89 17.22 9.79 -0.86
N ASP C 90 17.37 8.98 -1.87
CA ASP C 90 18.58 9.02 -2.66
C ASP C 90 18.23 9.40 -4.13
N ASN C 91 18.14 10.74 -4.41
CA ASN C 91 17.78 11.29 -5.73
C ASN C 91 18.64 10.77 -6.82
N SER C 92 19.87 10.36 -6.47
CA SER C 92 20.82 9.76 -7.38
C SER C 92 20.38 8.35 -7.79
N LYS C 93 19.84 7.54 -6.83
CA LYS C 93 19.38 6.16 -7.07
C LYS C 93 17.86 6.03 -7.33
N ASN C 94 17.12 7.16 -7.43
CA ASN C 94 15.67 7.14 -7.67
C ASN C 94 14.88 6.30 -6.65
N THR C 95 15.34 6.31 -5.38
CA THR C 95 14.74 5.53 -4.29
C THR C 95 14.52 6.37 -3.04
N LEU C 96 13.32 6.22 -2.44
CA LEU C 96 12.86 6.83 -1.21
C LEU C 96 12.92 5.77 -0.09
N TYR C 97 13.50 6.16 1.05
CA TYR C 97 13.64 5.31 2.22
C TYR C 97 12.81 5.82 3.44
N LEU C 98 12.51 4.90 4.38
CA LEU C 98 11.85 5.09 5.67
C LEU C 98 12.51 4.23 6.76
N GLN C 99 13.26 4.85 7.68
CA GLN C 99 13.92 4.11 8.75
C GLN C 99 13.09 4.11 10.04
N MET C 100 12.41 3.00 10.31
CA MET C 100 11.57 2.88 11.48
C MET C 100 12.31 2.34 12.67
N ASN C 101 12.39 3.09 13.78
CA ASN C 101 13.01 2.60 15.04
C ASN C 101 11.96 2.63 16.16
N SER C 102 12.18 1.84 17.23
CA SER C 102 11.25 1.70 18.36
C SER C 102 9.85 1.34 17.94
N LEU C 103 9.76 0.42 16.98
CA LEU C 103 8.52 -0.09 16.44
C LEU C 103 7.63 -0.66 17.52
N ARG C 104 6.41 -0.12 17.60
CA ARG C 104 5.32 -0.46 18.51
C ARG C 104 4.34 -1.33 17.73
N ALA C 105 3.44 -2.08 18.41
CA ALA C 105 2.43 -2.94 17.73
C ALA C 105 1.49 -2.14 16.84
N GLU C 106 1.21 -0.88 17.24
CA GLU C 106 0.36 0.12 16.58
C GLU C 106 0.92 0.53 15.19
N ASP C 107 2.18 0.19 14.97
CA ASP C 107 2.84 0.43 13.70
C ASP C 107 2.61 -0.76 12.74
N THR C 108 1.74 -1.72 13.10
CA THR C 108 1.42 -2.81 12.16
C THR C 108 0.49 -2.22 11.08
N ALA C 109 0.84 -2.37 9.81
CA ALA C 109 0.06 -1.79 8.71
C ALA C 109 0.70 -2.10 7.37
N VAL C 110 0.10 -1.61 6.30
CA VAL C 110 0.68 -1.75 4.99
C VAL C 110 1.20 -0.35 4.65
N TYR C 111 2.51 -0.23 4.44
CA TYR C 111 3.04 1.09 4.14
C TYR C 111 3.10 1.21 2.64
N TYR C 112 2.45 2.27 2.11
CA TYR C 112 2.45 2.63 0.70
C TYR C 112 3.33 3.83 0.53
N CYS C 113 3.87 3.96 -0.65
CA CYS C 113 4.80 4.99 -1.08
C CYS C 113 4.12 5.87 -2.12
N ALA C 114 4.06 7.21 -1.89
CA ALA C 114 3.39 8.12 -2.82
C ALA C 114 4.24 9.29 -3.38
N ARG C 115 3.97 9.67 -4.63
CA ARG C 115 4.59 10.82 -5.26
C ARG C 115 3.58 11.96 -5.13
N ASP C 116 4.03 13.11 -4.58
CA ASP C 116 3.25 14.33 -4.35
C ASP C 116 3.69 15.49 -5.29
N LEU C 117 2.74 16.13 -5.96
CA LEU C 117 3.00 17.23 -6.89
C LEU C 117 3.63 18.38 -6.11
N ILE C 118 2.87 18.91 -5.13
CA ILE C 118 3.35 19.85 -4.12
C ILE C 118 3.15 19.10 -2.74
N HIS C 119 3.52 19.70 -1.61
CA HIS C 119 3.33 19.04 -0.33
C HIS C 119 1.84 18.97 -0.11
N GLY C 120 1.32 17.76 0.07
CA GLY C 120 -0.10 17.50 0.29
C GLY C 120 -0.85 16.87 -0.86
N VAL C 121 -0.70 17.41 -2.08
CA VAL C 121 -1.33 16.93 -3.30
C VAL C 121 -0.68 15.61 -3.76
N THR C 122 -1.11 14.42 -3.20
CA THR C 122 -0.53 13.10 -3.57
C THR C 122 -1.16 12.64 -4.90
N ARG C 123 -0.30 12.34 -5.91
CA ARG C 123 -0.67 12.00 -7.29
C ARG C 123 -0.59 10.52 -7.69
N ASN C 124 0.40 9.79 -7.18
CA ASN C 124 0.55 8.37 -7.48
C ASN C 124 0.80 7.62 -6.19
N TRP C 125 0.32 6.37 -6.10
CA TRP C 125 0.47 5.48 -4.94
C TRP C 125 1.29 4.22 -5.28
N GLY C 126 1.84 3.59 -4.27
CA GLY C 126 2.60 2.35 -4.46
C GLY C 126 1.75 1.11 -4.26
N GLN C 127 2.40 -0.07 -4.40
CA GLN C 127 1.76 -1.37 -4.22
C GLN C 127 1.54 -1.73 -2.75
N GLY C 128 2.43 -1.22 -1.90
CA GLY C 128 2.41 -1.45 -0.47
C GLY C 128 3.30 -2.60 -0.07
N THR C 129 3.67 -2.62 1.20
CA THR C 129 4.55 -3.58 1.85
C THR C 129 3.99 -3.74 3.25
N LEU C 130 3.88 -4.97 3.71
CA LEU C 130 3.29 -5.19 5.01
C LEU C 130 4.35 -5.31 6.12
N VAL C 131 4.16 -4.55 7.19
CA VAL C 131 5.06 -4.54 8.34
C VAL C 131 4.21 -5.04 9.50
N THR C 132 4.68 -6.11 10.17
CA THR C 132 4.00 -6.72 11.31
C THR C 132 4.93 -6.59 12.53
N VAL C 133 4.45 -5.91 13.57
CA VAL C 133 5.19 -5.73 14.78
C VAL C 133 4.53 -6.67 15.77
N SER C 134 5.17 -7.80 16.11
CA SER C 134 4.60 -8.75 17.09
C SER C 134 5.68 -9.39 17.96
N SER C 135 5.30 -9.91 19.15
CA SER C 135 6.22 -10.61 20.06
C SER C 135 6.27 -12.08 19.66
N ALA C 136 5.26 -12.47 18.88
CA ALA C 136 5.13 -13.78 18.26
C ALA C 136 6.17 -13.93 17.10
N SER C 137 6.71 -15.16 16.96
CA SER C 137 7.68 -15.57 15.97
C SER C 137 6.99 -16.15 14.72
N THR C 138 7.79 -16.21 13.62
CA THR C 138 7.38 -16.77 12.35
C THR C 138 7.27 -18.26 12.46
N LYS C 139 6.18 -18.80 11.87
CA LYS C 139 5.79 -20.20 11.74
C LYS C 139 5.40 -20.41 10.28
N GLY C 140 5.98 -21.43 9.67
CA GLY C 140 5.75 -21.84 8.30
C GLY C 140 4.50 -22.68 8.22
N PRO C 141 3.76 -22.60 7.09
CA PRO C 141 2.51 -23.36 7.00
C PRO C 141 2.70 -24.84 6.75
N SER C 142 1.58 -25.55 6.82
CA SER C 142 1.47 -26.95 6.52
C SER C 142 0.44 -26.94 5.43
N VAL C 143 0.89 -27.32 4.24
CA VAL C 143 0.06 -27.39 3.03
C VAL C 143 -0.43 -28.81 2.86
N PHE C 144 -1.71 -28.96 2.57
CA PHE C 144 -2.34 -30.25 2.39
C PHE C 144 -3.15 -30.28 1.13
N PRO C 145 -3.19 -31.42 0.42
CA PRO C 145 -4.04 -31.48 -0.76
C PRO C 145 -5.52 -31.62 -0.41
N LEU C 146 -6.40 -30.86 -1.06
CA LEU C 146 -7.83 -30.97 -0.83
C LEU C 146 -8.40 -31.71 -2.02
N ALA C 147 -8.45 -33.05 -1.93
CA ALA C 147 -8.90 -33.97 -2.99
C ALA C 147 -10.20 -33.57 -3.74
N PRO C 148 -10.32 -33.91 -5.05
CA PRO C 148 -11.51 -33.48 -5.83
C PRO C 148 -12.87 -34.12 -5.44
N SER C 149 -13.94 -33.27 -5.52
CA SER C 149 -15.35 -33.56 -5.24
C SER C 149 -15.90 -34.76 -6.04
N GLY C 155 -21.83 -34.44 -13.01
CA GLY C 155 -20.47 -34.04 -12.67
C GLY C 155 -20.14 -32.59 -13.01
N GLY C 156 -20.34 -32.23 -14.30
CA GLY C 156 -20.11 -30.92 -14.88
C GLY C 156 -18.70 -30.39 -14.69
N THR C 157 -18.46 -29.79 -13.51
CA THR C 157 -17.18 -29.24 -13.04
C THR C 157 -16.97 -29.69 -11.61
N ALA C 158 -15.78 -30.27 -11.33
CA ALA C 158 -15.37 -30.77 -10.03
C ALA C 158 -14.46 -29.72 -9.39
N ALA C 159 -14.20 -29.78 -8.06
CA ALA C 159 -13.34 -28.79 -7.41
C ALA C 159 -12.26 -29.39 -6.48
N LEU C 160 -11.00 -28.88 -6.59
CA LEU C 160 -9.83 -29.34 -5.81
C LEU C 160 -9.03 -28.21 -5.21
N GLY C 161 -8.33 -28.47 -4.11
CA GLY C 161 -7.54 -27.41 -3.51
C GLY C 161 -6.27 -27.74 -2.78
N CYS C 162 -5.94 -26.85 -1.84
CA CYS C 162 -4.78 -26.88 -0.97
C CYS C 162 -5.16 -26.19 0.32
N LEU C 163 -4.97 -26.87 1.46
CA LEU C 163 -5.19 -26.29 2.78
C LEU C 163 -3.85 -25.69 3.21
N VAL C 164 -3.86 -24.42 3.61
CA VAL C 164 -2.64 -23.74 4.08
C VAL C 164 -2.85 -23.39 5.56
N LYS C 165 -2.51 -24.34 6.43
CA LYS C 165 -2.70 -24.36 7.88
C LYS C 165 -1.60 -23.72 8.75
N ASP C 166 -2.05 -23.11 9.88
CA ASP C 166 -1.31 -22.56 11.00
C ASP C 166 0.02 -21.85 10.70
N TYR C 167 -0.03 -20.70 10.00
CA TYR C 167 1.19 -19.88 9.71
C TYR C 167 1.08 -18.45 10.30
N PHE C 168 2.23 -17.82 10.55
CA PHE C 168 2.31 -16.45 11.04
C PHE C 168 3.65 -15.77 10.63
N PRO C 169 3.71 -14.50 10.14
CA PRO C 169 2.61 -13.55 9.84
C PRO C 169 1.96 -13.76 8.47
N GLN C 170 1.02 -12.87 8.10
CA GLN C 170 0.40 -12.84 6.77
C GLN C 170 1.57 -12.20 5.95
N PRO C 171 1.87 -12.49 4.65
CA PRO C 171 1.10 -13.21 3.64
C PRO C 171 1.65 -14.54 3.08
N VAL C 172 0.71 -15.37 2.52
CA VAL C 172 0.99 -16.61 1.77
C VAL C 172 0.58 -16.37 0.31
N THR C 173 1.31 -17.00 -0.63
CA THR C 173 1.11 -16.81 -2.07
C THR C 173 0.82 -18.10 -2.78
N VAL C 174 -0.46 -18.46 -2.85
CA VAL C 174 -0.90 -19.64 -3.58
C VAL C 174 -1.04 -19.34 -5.06
N SER C 175 -0.22 -20.06 -5.86
CA SER C 175 -0.23 -20.12 -7.31
C SER C 175 -0.46 -21.61 -7.66
N TRP C 176 -1.05 -21.90 -8.84
CA TRP C 176 -1.35 -23.27 -9.31
C TRP C 176 -0.61 -23.51 -10.62
N ASN C 177 -0.01 -24.71 -10.78
CA ASN C 177 0.76 -25.14 -11.96
C ASN C 177 1.85 -24.12 -12.38
N SER C 178 2.50 -23.50 -11.36
CA SER C 178 3.59 -22.50 -11.43
C SER C 178 3.20 -21.20 -12.16
N GLY C 179 1.93 -20.84 -12.06
CA GLY C 179 1.41 -19.62 -12.64
C GLY C 179 0.56 -19.84 -13.87
N ALA C 180 0.80 -20.97 -14.57
CA ALA C 180 0.09 -21.35 -15.78
C ALA C 180 -1.44 -21.42 -15.62
N LEU C 181 -1.93 -21.93 -14.46
CA LEU C 181 -3.36 -22.07 -14.16
C LEU C 181 -3.92 -20.84 -13.47
N THR C 182 -4.86 -20.14 -14.15
CA THR C 182 -5.48 -18.95 -13.57
C THR C 182 -7.00 -18.94 -13.72
N SER C 183 -7.53 -19.68 -14.68
CA SER C 183 -8.97 -19.75 -14.88
C SER C 183 -9.53 -20.72 -13.83
N GLY C 184 -10.60 -20.31 -13.14
CA GLY C 184 -11.24 -21.11 -12.09
C GLY C 184 -10.65 -20.99 -10.70
N VAL C 185 -9.39 -20.48 -10.57
CA VAL C 185 -8.67 -20.31 -9.28
C VAL C 185 -9.42 -19.33 -8.36
N HIS C 186 -9.51 -19.67 -7.06
CA HIS C 186 -10.13 -18.85 -6.02
C HIS C 186 -9.41 -19.12 -4.70
N THR C 187 -8.50 -18.22 -4.36
CA THR C 187 -7.74 -18.26 -3.11
C THR C 187 -8.58 -17.42 -2.13
N PHE C 188 -9.18 -18.11 -1.16
CA PHE C 188 -10.04 -17.55 -0.13
C PHE C 188 -9.23 -16.74 0.85
N PRO C 189 -9.79 -15.67 1.47
CA PRO C 189 -9.02 -14.91 2.47
C PRO C 189 -8.76 -15.74 3.72
N ALA C 190 -7.61 -15.50 4.36
CA ALA C 190 -7.20 -16.23 5.54
C ALA C 190 -8.07 -15.94 6.76
N VAL C 191 -8.21 -16.93 7.63
CA VAL C 191 -8.92 -16.79 8.90
C VAL C 191 -7.80 -16.64 9.89
N LEU C 192 -8.02 -15.84 10.94
CA LEU C 192 -7.06 -15.71 12.03
C LEU C 192 -7.61 -16.49 13.22
N GLN C 193 -7.07 -17.68 13.44
CA GLN C 193 -7.47 -18.57 14.52
C GLN C 193 -7.31 -17.95 15.92
N SER C 194 -7.88 -18.65 16.94
CA SER C 194 -7.79 -18.35 18.38
C SER C 194 -6.31 -18.35 18.76
N SER C 195 -5.60 -19.40 18.27
CA SER C 195 -4.18 -19.72 18.39
C SER C 195 -3.27 -18.61 17.94
N GLY C 196 -3.86 -17.56 17.35
CA GLY C 196 -3.18 -16.40 16.83
C GLY C 196 -2.44 -16.66 15.54
N LEU C 197 -2.75 -17.79 14.87
CA LEU C 197 -2.17 -18.23 13.57
C LEU C 197 -3.21 -18.15 12.43
N TYR C 198 -2.73 -18.06 11.21
CA TYR C 198 -3.64 -17.99 10.06
C TYR C 198 -3.77 -19.29 9.28
N SER C 199 -4.92 -19.43 8.61
CA SER C 199 -5.17 -20.56 7.75
C SER C 199 -5.92 -20.10 6.54
N LEU C 200 -5.50 -20.51 5.33
CA LEU C 200 -6.26 -20.13 4.15
C LEU C 200 -6.35 -21.25 3.18
N SER C 201 -7.32 -21.12 2.26
CA SER C 201 -7.56 -22.14 1.24
C SER C 201 -7.55 -21.59 -0.17
N SER C 202 -7.13 -22.44 -1.10
CA SER C 202 -7.10 -22.13 -2.52
C SER C 202 -7.78 -23.28 -3.23
N VAL C 203 -8.75 -23.00 -4.13
CA VAL C 203 -9.45 -24.06 -4.89
C VAL C 203 -9.61 -23.70 -6.37
N VAL C 204 -9.64 -24.75 -7.24
CA VAL C 204 -9.81 -24.62 -8.68
C VAL C 204 -11.04 -25.39 -9.13
N THR C 205 -11.87 -24.77 -9.99
CA THR C 205 -13.05 -25.43 -10.56
C THR C 205 -12.64 -25.94 -11.93
N VAL C 206 -12.27 -27.22 -12.00
CA VAL C 206 -11.74 -27.85 -13.22
C VAL C 206 -12.69 -28.89 -13.87
N PRO C 207 -12.72 -29.00 -15.24
CA PRO C 207 -13.60 -29.98 -15.90
C PRO C 207 -13.32 -31.41 -15.44
N SER C 208 -14.39 -32.19 -15.25
CA SER C 208 -14.29 -33.56 -14.77
C SER C 208 -13.44 -34.49 -15.64
N SER C 209 -13.43 -34.25 -16.98
CA SER C 209 -12.66 -35.04 -17.96
C SER C 209 -11.14 -34.94 -17.75
N SER C 210 -10.67 -33.75 -17.29
CA SER C 210 -9.27 -33.39 -17.07
C SER C 210 -8.52 -34.23 -16.04
N LEU C 211 -9.25 -34.81 -15.05
CA LEU C 211 -8.68 -35.66 -14.00
C LEU C 211 -8.13 -36.96 -14.59
N GLY C 212 -6.94 -37.36 -14.10
CA GLY C 212 -6.23 -38.55 -14.60
C GLY C 212 -5.22 -38.16 -15.67
N THR C 213 -5.63 -37.22 -16.54
CA THR C 213 -4.85 -36.63 -17.62
C THR C 213 -3.90 -35.62 -16.95
N GLN C 214 -4.25 -34.30 -17.03
CA GLN C 214 -3.50 -33.19 -16.46
C GLN C 214 -3.37 -33.27 -14.95
N THR C 215 -2.16 -32.98 -14.45
CA THR C 215 -1.75 -32.95 -13.03
C THR C 215 -1.93 -31.56 -12.40
N TYR C 216 -2.30 -31.52 -11.10
CA TYR C 216 -2.50 -30.25 -10.39
C TYR C 216 -1.54 -30.10 -9.21
N ILE C 217 -0.59 -29.18 -9.35
CA ILE C 217 0.39 -28.90 -8.32
C ILE C 217 0.22 -27.46 -7.85
N CYS C 218 -0.20 -27.30 -6.58
CA CYS C 218 -0.37 -26.00 -5.92
C CYS C 218 0.97 -25.57 -5.31
N ASN C 219 1.33 -24.31 -5.51
CA ASN C 219 2.61 -23.78 -5.08
C ASN C 219 2.44 -22.65 -4.08
N VAL C 220 2.51 -22.99 -2.79
CA VAL C 220 2.38 -22.05 -1.70
C VAL C 220 3.74 -21.40 -1.43
N ASN C 221 3.72 -20.12 -1.00
CA ASN C 221 4.93 -19.37 -0.73
C ASN C 221 4.74 -18.51 0.51
N HIS C 222 5.50 -18.79 1.58
CA HIS C 222 5.43 -17.98 2.80
C HIS C 222 6.80 -17.36 3.02
N LYS C 223 7.11 -16.32 2.20
CA LYS C 223 8.38 -15.59 2.22
C LYS C 223 8.82 -15.24 3.68
N PRO C 224 7.89 -14.80 4.60
CA PRO C 224 8.30 -14.50 5.99
C PRO C 224 9.10 -15.60 6.70
N SER C 225 8.88 -16.89 6.35
CA SER C 225 9.52 -18.09 6.93
C SER C 225 10.26 -18.94 5.86
N ASN C 226 10.47 -18.35 4.68
CA ASN C 226 11.15 -18.94 3.51
C ASN C 226 10.51 -20.20 2.94
N THR C 227 9.34 -20.64 3.46
CA THR C 227 8.61 -21.83 3.02
C THR C 227 8.16 -21.77 1.55
N LYS C 228 8.55 -22.78 0.76
CA LYS C 228 8.10 -22.99 -0.61
C LYS C 228 7.74 -24.44 -0.68
N VAL C 229 6.45 -24.72 -0.86
CA VAL C 229 5.88 -26.06 -0.89
C VAL C 229 5.09 -26.26 -2.16
N ASP C 230 5.38 -27.36 -2.87
CA ASP C 230 4.69 -27.74 -4.10
C ASP C 230 4.00 -29.04 -3.79
N LYS C 231 2.68 -28.98 -3.62
CA LYS C 231 1.86 -30.13 -3.28
C LYS C 231 1.08 -30.59 -4.51
N LYS C 232 1.27 -31.84 -4.92
CA LYS C 232 0.57 -32.40 -6.06
C LYS C 232 -0.72 -32.98 -5.50
N VAL C 233 -1.86 -32.37 -5.87
CA VAL C 233 -3.17 -32.85 -5.43
C VAL C 233 -3.71 -33.89 -6.46
N GLU C 234 -4.21 -35.03 -5.95
CA GLU C 234 -4.69 -36.12 -6.77
C GLU C 234 -5.89 -36.85 -6.15
N PRO C 235 -6.82 -37.38 -7.00
CA PRO C 235 -8.02 -38.06 -6.48
C PRO C 235 -7.82 -39.11 -5.37
N LYS C 236 -8.81 -39.20 -4.43
CA LYS C 236 -8.80 -40.15 -3.32
C LYS C 236 -9.71 -41.40 -3.64
N SER C 237 -9.52 -41.99 -4.85
CA SER C 237 -10.25 -43.16 -5.38
C SER C 237 -10.04 -44.43 -4.55
N ILE D 2 53.96 18.75 -7.63
CA ILE D 2 52.52 19.04 -7.63
C ILE D 2 51.72 17.87 -8.25
N HIS D 3 50.50 17.63 -7.70
CA HIS D 3 49.55 16.60 -8.12
C HIS D 3 48.19 17.24 -8.41
N VAL D 4 47.58 16.90 -9.56
CA VAL D 4 46.28 17.44 -9.99
C VAL D 4 45.30 16.28 -10.27
N THR D 5 44.06 16.35 -9.71
CA THR D 5 43.06 15.30 -9.91
C THR D 5 41.89 15.85 -10.69
N ILE D 6 41.79 15.40 -11.94
CA ILE D 6 40.75 15.82 -12.88
C ILE D 6 39.67 14.76 -12.96
N PRO D 7 38.38 15.13 -13.17
CA PRO D 7 37.35 14.08 -13.27
C PRO D 7 37.52 13.28 -14.54
N ALA D 8 36.96 12.04 -14.58
CA ALA D 8 36.99 11.13 -15.74
C ALA D 8 36.47 11.85 -17.01
N ASP D 9 35.44 12.68 -16.81
CA ASP D 9 34.78 13.55 -17.78
C ASP D 9 35.79 14.46 -18.50
N LEU D 10 36.56 15.29 -17.75
CA LEU D 10 37.57 16.23 -18.27
C LEU D 10 38.70 15.55 -19.03
N TRP D 11 39.03 14.30 -18.67
CA TRP D 11 40.07 13.60 -19.39
C TRP D 11 39.68 13.47 -20.86
N ASP D 12 38.39 13.09 -21.15
CA ASP D 12 37.82 13.01 -22.51
C ASP D 12 38.11 14.32 -23.27
N TRP D 13 37.82 15.46 -22.62
CA TRP D 13 37.98 16.78 -23.18
C TRP D 13 39.45 17.14 -23.47
N ILE D 14 40.38 16.94 -22.51
CA ILE D 14 41.82 17.26 -22.69
C ILE D 14 42.42 16.47 -23.87
N ASN D 15 41.86 15.25 -24.11
CA ASN D 15 42.28 14.33 -25.17
C ASN D 15 41.18 14.16 -26.24
N ASN E 1 -1.99 18.82 12.21
CA ASN E 1 -3.15 18.13 12.78
C ASN E 1 -4.36 19.06 13.09
N PHE E 2 -5.47 18.68 12.45
CA PHE E 2 -6.83 19.18 12.39
C PHE E 2 -7.56 17.91 11.92
N MET E 3 -8.88 17.93 11.62
CA MET E 3 -9.44 16.66 11.13
C MET E 3 -10.54 16.79 10.07
N LEU E 4 -10.62 15.74 9.24
CA LEU E 4 -11.59 15.53 8.16
C LEU E 4 -12.56 14.47 8.61
N THR E 5 -13.84 14.79 8.45
CA THR E 5 -14.97 13.94 8.81
C THR E 5 -15.81 13.69 7.56
N GLN E 6 -15.94 12.41 7.17
CA GLN E 6 -16.75 12.00 6.03
C GLN E 6 -17.74 10.89 6.47
N PRO E 7 -18.99 10.78 5.92
CA PRO E 7 -19.93 9.76 6.38
C PRO E 7 -19.40 8.33 6.31
N HIS E 8 -19.82 7.49 7.24
CA HIS E 8 -19.37 6.10 7.26
C HIS E 8 -19.80 5.35 6.01
N SER E 9 -21.08 5.47 5.63
CA SER E 9 -21.62 4.79 4.46
C SER E 9 -22.48 5.68 3.58
N VAL E 10 -22.55 5.32 2.29
CA VAL E 10 -23.35 6.00 1.26
C VAL E 10 -23.99 4.94 0.35
N SER E 11 -25.29 5.12 0.02
CA SER E 11 -26.06 4.22 -0.82
C SER E 11 -26.81 4.99 -1.91
N GLU E 12 -27.32 4.27 -2.94
CA GLU E 12 -28.12 4.73 -4.10
C GLU E 12 -28.27 3.60 -5.14
N SER E 13 -29.41 3.60 -5.88
CA SER E 13 -29.66 2.66 -6.98
C SER E 13 -28.83 3.11 -8.23
N PRO E 14 -28.63 2.32 -9.31
CA PRO E 14 -27.73 2.75 -10.39
C PRO E 14 -28.24 3.87 -11.31
N GLY E 15 -27.29 4.52 -12.00
CA GLY E 15 -27.54 5.62 -12.93
C GLY E 15 -27.84 6.95 -12.27
N LYS E 16 -27.89 6.95 -10.92
CA LYS E 16 -28.19 8.12 -10.11
C LYS E 16 -26.95 8.94 -9.75
N THR E 17 -27.11 9.91 -8.84
CA THR E 17 -26.07 10.83 -8.41
C THR E 17 -25.80 10.69 -6.90
N VAL E 18 -24.52 10.52 -6.51
CA VAL E 18 -24.11 10.41 -5.10
C VAL E 18 -23.13 11.47 -4.73
N THR E 19 -23.32 12.08 -3.56
CA THR E 19 -22.39 13.08 -3.06
C THR E 19 -21.71 12.58 -1.78
N ILE E 20 -20.38 12.58 -1.80
CA ILE E 20 -19.62 12.19 -0.65
C ILE E 20 -19.03 13.48 -0.08
N SER E 21 -19.46 13.82 1.11
CA SER E 21 -19.09 15.04 1.80
C SER E 21 -17.92 14.81 2.73
N CYS E 22 -16.95 15.72 2.71
CA CYS E 22 -15.72 15.72 3.50
C CYS E 22 -15.65 17.07 4.23
N THR E 23 -15.77 17.07 5.57
CA THR E 23 -15.83 18.31 6.37
C THR E 23 -14.64 18.46 7.35
N ARG E 24 -13.66 19.31 6.95
CA ARG E 24 -12.43 19.65 7.69
C ARG E 24 -12.74 20.61 8.83
N SER E 25 -12.23 20.36 10.05
CA SER E 25 -12.46 21.23 11.21
C SER E 25 -11.61 22.54 11.17
N SER E 26 -10.54 22.65 11.98
CA SER E 26 -9.67 23.84 12.04
C SER E 26 -8.91 24.03 10.74
N GLY E 27 -8.77 25.30 10.34
CA GLY E 27 -8.13 25.70 9.10
C GLY E 27 -9.15 25.90 8.00
N SER E 28 -8.88 26.85 7.07
CA SER E 28 -9.81 27.16 5.97
C SER E 28 -9.58 26.26 4.76
N LEU E 29 -10.62 25.49 4.40
CA LEU E 29 -10.59 24.52 3.30
C LEU E 29 -10.26 25.18 1.98
N ALA E 30 -10.55 26.46 1.87
CA ALA E 30 -10.26 27.24 0.68
C ALA E 30 -8.75 27.36 0.44
N ASN E 31 -7.93 27.43 1.51
CA ASN E 31 -6.45 27.59 1.40
C ASN E 31 -5.66 26.33 0.99
N TYR E 32 -6.25 25.11 1.11
CA TYR E 32 -5.50 23.88 0.80
C TYR E 32 -6.24 22.90 -0.10
N TYR E 33 -5.50 22.27 -1.05
CA TYR E 33 -6.06 21.36 -2.04
C TYR E 33 -6.60 20.03 -1.49
N VAL E 34 -7.83 19.67 -1.91
CA VAL E 34 -8.45 18.43 -1.48
C VAL E 34 -8.33 17.34 -2.57
N GLN E 35 -8.10 16.10 -2.14
CA GLN E 35 -7.94 14.97 -3.05
C GLN E 35 -8.86 13.87 -2.64
N TRP E 36 -9.25 13.02 -3.61
CA TRP E 36 -10.13 11.88 -3.37
C TRP E 36 -9.48 10.64 -3.88
N TYR E 37 -9.69 9.53 -3.14
CA TYR E 37 -9.13 8.22 -3.43
C TYR E 37 -10.21 7.15 -3.39
N GLN E 38 -10.03 6.12 -4.21
CA GLN E 38 -10.91 4.98 -4.26
C GLN E 38 -10.12 3.76 -3.80
N GLN E 39 -10.73 2.88 -3.01
CA GLN E 39 -10.06 1.65 -2.63
C GLN E 39 -11.01 0.48 -2.78
N ARG E 40 -10.75 -0.32 -3.82
CA ARG E 40 -11.53 -1.51 -4.14
C ARG E 40 -11.17 -2.67 -3.21
N PRO E 41 -12.10 -3.64 -2.93
CA PRO E 41 -11.75 -4.75 -2.02
C PRO E 41 -10.41 -5.44 -2.31
N GLY E 42 -9.51 -5.39 -1.32
CA GLY E 42 -8.18 -5.97 -1.39
C GLY E 42 -7.14 -5.12 -2.13
N SER E 43 -7.61 -4.23 -3.00
CA SER E 43 -6.80 -3.37 -3.83
C SER E 43 -6.14 -2.23 -3.04
N SER E 44 -5.18 -1.55 -3.68
CA SER E 44 -4.45 -0.39 -3.13
C SER E 44 -5.22 0.90 -3.50
N PRO E 45 -5.10 2.01 -2.73
CA PRO E 45 -5.83 3.23 -3.11
C PRO E 45 -5.44 3.74 -4.51
N THR E 46 -6.33 4.53 -5.12
CA THR E 46 -6.12 5.13 -6.43
C THR E 46 -6.66 6.54 -6.45
N ILE E 47 -5.91 7.44 -7.07
CA ILE E 47 -6.33 8.83 -7.20
C ILE E 47 -7.56 8.92 -8.11
N VAL E 48 -8.56 9.66 -7.65
CA VAL E 48 -9.84 9.86 -8.31
C VAL E 48 -9.97 11.32 -8.80
N ILE E 49 -9.68 12.27 -7.89
CA ILE E 49 -9.77 13.72 -8.02
C ILE E 49 -8.58 14.29 -7.24
N PHE E 50 -8.02 15.41 -7.69
CA PHE E 50 -6.90 16.13 -7.06
C PHE E 50 -6.99 17.62 -7.38
N ALA E 51 -6.37 18.48 -6.56
CA ALA E 51 -6.43 19.95 -6.64
C ALA E 51 -7.94 20.41 -6.68
N ASN E 52 -8.72 19.84 -5.73
CA ASN E 52 -10.14 20.06 -5.48
C ASN E 52 -11.08 19.44 -6.52
N ASN E 53 -10.72 19.47 -7.83
CA ASN E 53 -11.63 18.98 -8.88
C ASN E 53 -11.01 18.40 -10.18
N GLN E 54 -9.70 18.09 -10.21
CA GLN E 54 -9.06 17.55 -11.43
C GLN E 54 -9.10 16.03 -11.49
N ARG E 55 -9.41 15.47 -12.68
CA ARG E 55 -9.47 14.01 -12.89
C ARG E 55 -8.31 13.56 -13.77
N PRO E 56 -7.62 12.47 -13.38
CA PRO E 56 -6.48 12.00 -14.18
C PRO E 56 -6.86 11.19 -15.43
N SER E 57 -6.01 10.18 -15.72
CA SER E 57 -6.13 9.22 -16.82
C SER E 57 -6.87 7.97 -16.33
N GLY E 58 -8.01 7.72 -16.96
CA GLY E 58 -8.90 6.60 -16.64
C GLY E 58 -10.00 6.96 -15.66
N VAL E 59 -10.34 8.26 -15.54
CA VAL E 59 -11.41 8.74 -14.64
C VAL E 59 -12.47 9.48 -15.47
N PRO E 60 -13.64 8.83 -15.72
CA PRO E 60 -14.69 9.46 -16.55
C PRO E 60 -15.40 10.63 -15.88
N ASP E 61 -16.09 11.48 -16.71
CA ASP E 61 -16.86 12.67 -16.33
C ASP E 61 -17.93 12.39 -15.28
N ARG E 62 -18.19 11.11 -15.02
CA ARG E 62 -19.10 10.60 -13.99
C ARG E 62 -18.61 11.08 -12.59
N PHE E 63 -17.30 10.90 -12.27
CA PHE E 63 -16.68 11.40 -11.04
C PHE E 63 -16.37 12.89 -11.20
N SER E 64 -16.60 13.71 -10.15
CA SER E 64 -16.33 15.17 -10.18
C SER E 64 -16.26 15.87 -8.81
N GLY E 65 -15.06 16.33 -8.45
CA GLY E 65 -14.82 17.08 -7.22
C GLY E 65 -15.31 18.52 -7.28
N SER E 66 -15.67 19.07 -6.11
CA SER E 66 -16.16 20.44 -5.91
C SER E 66 -15.88 20.84 -4.46
N ILE E 67 -15.91 22.15 -4.15
CA ILE E 67 -15.62 22.67 -2.80
C ILE E 67 -16.59 23.82 -2.42
N ASP E 68 -16.73 24.12 -1.09
CA ASP E 68 -17.59 25.19 -0.55
C ASP E 68 -17.16 25.62 0.86
N SER E 69 -16.32 26.70 0.96
CA SER E 69 -15.73 27.23 2.21
C SER E 69 -16.74 27.83 3.20
N SER E 70 -17.91 28.30 2.73
CA SER E 70 -18.95 28.89 3.59
C SER E 70 -19.71 27.83 4.45
N SER E 71 -19.05 26.66 4.67
CA SER E 71 -19.47 25.49 5.46
C SER E 71 -18.24 24.64 5.77
N ASN E 72 -17.13 24.92 5.01
CA ASN E 72 -15.77 24.33 5.01
C ASN E 72 -15.80 22.83 4.72
N SER E 73 -16.20 22.48 3.47
CA SER E 73 -16.35 21.09 3.04
C SER E 73 -16.16 20.89 1.54
N ALA E 74 -15.39 19.87 1.15
CA ALA E 74 -15.14 19.50 -0.25
C ALA E 74 -16.01 18.30 -0.57
N SER E 75 -16.63 18.22 -1.77
CA SER E 75 -17.50 17.08 -2.07
C SER E 75 -17.27 16.37 -3.42
N LEU E 76 -16.87 15.06 -3.36
CA LEU E 76 -16.72 14.23 -4.55
C LEU E 76 -18.09 13.72 -4.95
N THR E 77 -18.46 13.89 -6.22
CA THR E 77 -19.75 13.47 -6.70
C THR E 77 -19.58 12.44 -7.86
N ILE E 78 -20.52 11.47 -7.96
CA ILE E 78 -20.57 10.42 -9.01
C ILE E 78 -21.93 10.50 -9.69
N SER E 79 -21.98 11.07 -10.92
CA SER E 79 -23.22 11.13 -11.71
C SER E 79 -23.26 9.83 -12.53
N GLY E 80 -24.43 9.22 -12.66
CA GLY E 80 -24.59 7.97 -13.39
C GLY E 80 -23.82 6.84 -12.74
N LEU E 81 -24.40 6.25 -11.69
CA LEU E 81 -23.80 5.15 -10.93
C LEU E 81 -23.75 3.85 -11.69
N LYS E 82 -22.70 3.09 -11.39
CA LYS E 82 -22.44 1.78 -11.96
C LYS E 82 -22.10 0.90 -10.77
N THR E 83 -22.60 -0.37 -10.74
CA THR E 83 -22.35 -1.31 -9.61
C THR E 83 -20.86 -1.41 -9.31
N GLU E 84 -20.07 -1.31 -10.35
CA GLU E 84 -18.62 -1.35 -10.36
C GLU E 84 -17.95 -0.07 -9.78
N ASP E 85 -18.71 0.79 -9.06
CA ASP E 85 -18.16 1.97 -8.39
C ASP E 85 -18.11 1.70 -6.85
N GLU E 86 -18.54 0.49 -6.46
CA GLU E 86 -18.58 0.01 -5.08
C GLU E 86 -17.15 -0.13 -4.58
N ALA E 87 -16.77 0.72 -3.61
CA ALA E 87 -15.42 0.81 -3.00
C ALA E 87 -15.43 1.81 -1.83
N ASP E 88 -14.26 2.02 -1.17
CA ASP E 88 -14.11 2.97 -0.09
C ASP E 88 -13.55 4.23 -0.67
N TYR E 89 -14.17 5.38 -0.38
CA TYR E 89 -13.67 6.63 -0.90
C TYR E 89 -13.15 7.48 0.22
N TYR E 90 -11.88 7.91 0.11
CA TYR E 90 -11.20 8.73 1.11
C TYR E 90 -10.90 10.14 0.58
N CYS E 91 -11.21 11.16 1.38
CA CYS E 91 -10.79 12.51 1.01
C CYS E 91 -9.49 12.73 1.75
N GLN E 92 -8.71 13.74 1.36
CA GLN E 92 -7.42 14.01 1.98
C GLN E 92 -7.02 15.44 1.64
N THR E 93 -6.43 16.16 2.62
CA THR E 93 -5.97 17.56 2.49
C THR E 93 -4.70 17.76 3.33
N TYR E 94 -4.30 19.02 3.59
CA TYR E 94 -3.06 19.34 4.30
C TYR E 94 -3.07 20.71 4.97
N ASP E 95 -1.91 21.08 5.53
CA ASP E 95 -1.58 22.34 6.17
C ASP E 95 -0.03 22.48 6.08
N PRO E 96 0.60 23.60 6.46
CA PRO E 96 2.07 23.70 6.33
C PRO E 96 2.93 22.60 6.96
N TYR E 97 2.44 21.83 7.96
CA TYR E 97 3.28 20.78 8.51
C TYR E 97 2.66 19.37 8.46
N SER E 98 1.33 19.26 8.40
CA SER E 98 0.73 17.91 8.37
C SER E 98 -0.13 17.58 7.13
N VAL E 99 -0.36 16.28 6.88
CA VAL E 99 -1.25 15.72 5.85
C VAL E 99 -2.29 14.85 6.56
N VAL E 100 -3.57 15.02 6.21
CA VAL E 100 -4.68 14.39 6.90
C VAL E 100 -5.54 13.61 5.95
N PHE E 101 -5.90 12.38 6.36
CA PHE E 101 -6.82 11.53 5.62
C PHE E 101 -8.18 11.42 6.30
N GLY E 102 -9.23 11.33 5.50
CA GLY E 102 -10.56 11.12 6.03
C GLY E 102 -10.69 9.70 6.57
N GLY E 103 -11.80 9.44 7.26
CA GLY E 103 -12.06 8.12 7.80
C GLY E 103 -12.56 7.15 6.74
N GLY E 104 -12.87 7.68 5.56
CA GLY E 104 -13.43 6.91 4.47
C GLY E 104 -14.92 6.86 4.54
N THR E 105 -15.52 6.55 3.39
CA THR E 105 -16.95 6.37 3.17
C THR E 105 -17.08 5.14 2.33
N LYS E 106 -17.89 4.16 2.78
CA LYS E 106 -18.15 2.94 2.04
C LYS E 106 -19.40 3.11 1.16
N LEU E 107 -19.18 3.21 -0.17
CA LEU E 107 -20.26 3.33 -1.15
C LEU E 107 -20.95 1.95 -1.31
N THR E 108 -22.26 1.96 -1.62
CA THR E 108 -23.09 0.75 -1.80
C THR E 108 -24.07 1.00 -2.94
N VAL E 109 -24.27 0.01 -3.84
CA VAL E 109 -25.22 0.19 -4.94
C VAL E 109 -26.45 -0.75 -4.79
N LEU E 110 -27.59 -0.14 -4.42
CA LEU E 110 -28.88 -0.78 -4.20
C LEU E 110 -29.46 -1.24 -5.54
N GLY E 111 -30.21 -2.34 -5.52
CA GLY E 111 -30.82 -2.93 -6.70
C GLY E 111 -30.11 -4.17 -7.21
N GLN E 112 -28.95 -4.51 -6.59
CA GLN E 112 -28.18 -5.70 -6.95
C GLN E 112 -28.92 -6.95 -6.44
N PRO E 113 -29.23 -7.94 -7.32
CA PRO E 113 -30.04 -9.10 -6.87
C PRO E 113 -29.39 -10.00 -5.85
N LYS E 114 -30.23 -10.79 -5.14
CA LYS E 114 -29.83 -11.78 -4.12
C LYS E 114 -29.26 -13.04 -4.76
N ALA E 115 -28.22 -13.59 -4.13
CA ALA E 115 -27.54 -14.79 -4.58
C ALA E 115 -27.45 -15.82 -3.49
N ALA E 116 -27.88 -17.07 -3.79
CA ALA E 116 -27.78 -18.18 -2.85
C ALA E 116 -26.29 -18.63 -2.82
N PRO E 117 -25.75 -19.11 -1.66
CA PRO E 117 -24.32 -19.49 -1.62
C PRO E 117 -23.92 -20.66 -2.53
N SER E 118 -22.61 -20.92 -2.60
CA SER E 118 -22.02 -21.99 -3.41
C SER E 118 -21.09 -22.80 -2.50
N VAL E 119 -21.69 -23.32 -1.40
CA VAL E 119 -21.07 -24.09 -0.30
C VAL E 119 -20.40 -25.42 -0.76
N THR E 120 -19.08 -25.53 -0.53
CA THR E 120 -18.25 -26.69 -0.81
C THR E 120 -17.53 -27.10 0.47
N LEU E 121 -17.62 -28.38 0.85
CA LEU E 121 -17.00 -28.88 2.08
C LEU E 121 -16.08 -30.08 1.80
N PHE E 122 -14.77 -29.93 2.11
CA PHE E 122 -13.79 -31.00 1.96
C PHE E 122 -13.50 -31.70 3.30
N PRO E 123 -13.30 -33.04 3.33
CA PRO E 123 -12.94 -33.71 4.58
C PRO E 123 -11.40 -33.83 4.73
N PRO E 124 -10.86 -34.13 5.94
CA PRO E 124 -9.40 -34.21 6.12
C PRO E 124 -8.63 -35.04 5.10
N SER E 125 -7.43 -34.58 4.74
CA SER E 125 -6.57 -35.26 3.78
C SER E 125 -5.93 -36.51 4.39
N SER E 126 -5.25 -37.30 3.56
CA SER E 126 -4.56 -38.51 3.97
C SER E 126 -3.23 -38.15 4.65
N GLU E 127 -2.61 -37.00 4.24
CA GLU E 127 -1.36 -36.43 4.81
C GLU E 127 -1.61 -35.89 6.20
N GLU E 128 -2.69 -35.07 6.35
CA GLU E 128 -3.07 -34.44 7.60
C GLU E 128 -3.35 -35.47 8.68
N LEU E 129 -4.08 -36.56 8.31
CA LEU E 129 -4.43 -37.67 9.20
C LEU E 129 -3.18 -38.46 9.60
N GLN E 130 -2.25 -38.68 8.64
CA GLN E 130 -0.97 -39.37 8.86
C GLN E 130 -0.06 -38.53 9.78
N ALA E 131 -0.42 -37.24 9.94
CA ALA E 131 0.24 -36.25 10.78
C ALA E 131 -0.49 -36.14 12.14
N ASN E 132 -1.46 -37.05 12.40
CA ASN E 132 -2.29 -37.12 13.63
C ASN E 132 -3.05 -35.79 13.90
N LYS E 133 -3.68 -35.22 12.83
CA LYS E 133 -4.47 -33.98 12.81
C LYS E 133 -5.63 -34.14 11.81
N ALA E 134 -6.67 -33.27 11.87
CA ALA E 134 -7.83 -33.32 10.97
C ALA E 134 -8.55 -31.95 10.87
N THR E 135 -8.79 -31.45 9.64
CA THR E 135 -9.51 -30.18 9.43
C THR E 135 -10.50 -30.28 8.25
N LEU E 136 -11.80 -30.00 8.52
CA LEU E 136 -12.90 -30.02 7.54
C LEU E 136 -13.09 -28.61 7.04
N VAL E 137 -12.72 -28.36 5.78
CA VAL E 137 -12.71 -27.03 5.15
C VAL E 137 -14.00 -26.73 4.41
N CYS E 138 -14.74 -25.68 4.85
CA CYS E 138 -16.02 -25.24 4.27
C CYS E 138 -15.91 -23.88 3.64
N LEU E 139 -15.81 -23.88 2.31
CA LEU E 139 -15.67 -22.70 1.48
C LEU E 139 -17.01 -22.24 0.90
N ILE E 140 -17.57 -21.18 1.49
CA ILE E 140 -18.85 -20.56 1.10
C ILE E 140 -18.57 -19.43 0.12
N SER E 141 -19.12 -19.48 -1.10
CA SER E 141 -18.86 -18.44 -2.10
C SER E 141 -20.12 -17.97 -2.86
N ASP E 142 -19.98 -16.88 -3.67
CA ASP E 142 -21.01 -16.29 -4.53
C ASP E 142 -22.42 -16.08 -3.86
N PHE E 143 -22.45 -15.29 -2.77
CA PHE E 143 -23.70 -14.96 -2.07
C PHE E 143 -23.93 -13.44 -2.01
N TYR E 144 -25.21 -13.03 -1.92
CA TYR E 144 -25.60 -11.62 -1.86
C TYR E 144 -26.84 -11.36 -0.99
N PRO E 145 -26.72 -10.52 0.07
CA PRO E 145 -25.52 -9.82 0.54
C PRO E 145 -24.63 -10.64 1.49
N GLY E 146 -23.52 -10.03 1.89
CA GLY E 146 -22.51 -10.66 2.75
C GLY E 146 -22.89 -10.85 4.19
N ALA E 147 -23.95 -11.62 4.45
CA ALA E 147 -24.41 -11.88 5.81
C ALA E 147 -24.88 -13.33 5.92
N VAL E 148 -23.98 -14.19 6.38
CA VAL E 148 -24.20 -15.63 6.49
C VAL E 148 -23.85 -16.11 7.91
N THR E 149 -24.47 -17.22 8.38
CA THR E 149 -24.12 -17.87 9.65
C THR E 149 -23.58 -19.24 9.24
N VAL E 150 -22.60 -19.78 9.99
CA VAL E 150 -22.10 -21.13 9.68
C VAL E 150 -22.27 -22.04 10.89
N ALA E 151 -23.05 -23.13 10.73
CA ALA E 151 -23.34 -24.06 11.82
C ALA E 151 -22.88 -25.49 11.59
N TRP E 152 -21.84 -25.90 12.33
CA TRP E 152 -21.35 -27.26 12.24
C TRP E 152 -22.21 -28.25 13.04
N LYS E 153 -22.22 -29.53 12.58
CA LYS E 153 -22.99 -30.63 13.14
C LYS E 153 -22.21 -31.95 13.00
N ALA E 154 -22.26 -32.81 14.01
CA ALA E 154 -21.67 -34.15 14.00
C ALA E 154 -22.87 -35.08 14.10
N ASP E 155 -23.43 -35.49 12.92
CA ASP E 155 -24.64 -36.33 12.72
C ASP E 155 -25.93 -35.49 12.94
N SER E 156 -26.10 -34.97 14.17
CA SER E 156 -27.21 -34.13 14.61
C SER E 156 -26.67 -33.06 15.56
N SER E 157 -25.77 -33.49 16.49
CA SER E 157 -25.13 -32.67 17.53
C SER E 157 -24.36 -31.45 17.01
N PRO E 158 -24.76 -30.21 17.38
CA PRO E 158 -24.02 -29.04 16.91
C PRO E 158 -22.69 -28.94 17.63
N VAL E 159 -21.62 -28.54 16.92
CA VAL E 159 -20.31 -28.47 17.54
C VAL E 159 -19.79 -27.02 17.53
N LYS E 160 -19.50 -26.49 18.75
CA LYS E 160 -19.00 -25.12 18.98
C LYS E 160 -17.48 -25.09 19.18
N ALA E 161 -16.89 -26.24 19.57
CA ALA E 161 -15.45 -26.35 19.82
C ALA E 161 -14.70 -26.79 18.57
N GLY E 162 -13.87 -25.88 18.03
CA GLY E 162 -13.07 -26.16 16.84
C GLY E 162 -13.31 -25.20 15.69
N VAL E 163 -14.59 -24.84 15.44
CA VAL E 163 -15.08 -23.91 14.39
C VAL E 163 -14.30 -22.57 14.41
N GLU E 164 -13.92 -22.06 13.22
CA GLU E 164 -13.21 -20.80 13.02
C GLU E 164 -13.71 -20.20 11.71
N THR E 165 -14.56 -19.16 11.78
CA THR E 165 -15.13 -18.58 10.57
C THR E 165 -14.57 -17.21 10.16
N THR E 166 -14.34 -17.05 8.83
CA THR E 166 -13.92 -15.80 8.21
C THR E 166 -15.18 -14.98 8.00
N THR E 167 -15.07 -13.67 8.21
CA THR E 167 -16.14 -12.69 8.02
C THR E 167 -16.23 -12.33 6.51
N PRO E 168 -17.47 -12.15 5.94
CA PRO E 168 -17.61 -11.91 4.49
C PRO E 168 -16.75 -10.79 3.90
N SER E 169 -16.37 -10.96 2.62
CA SER E 169 -15.55 -10.04 1.81
C SER E 169 -16.03 -10.10 0.34
N LYS E 170 -15.93 -8.97 -0.41
CA LYS E 170 -16.36 -8.96 -1.82
C LYS E 170 -15.47 -9.81 -2.72
N GLN E 171 -15.91 -10.02 -3.97
CA GLN E 171 -15.18 -10.84 -4.92
C GLN E 171 -14.86 -10.02 -6.15
N SER E 172 -14.34 -10.70 -7.21
CA SER E 172 -14.07 -10.14 -8.53
C SER E 172 -15.43 -9.87 -9.23
N ASN E 173 -16.50 -10.58 -8.78
CA ASN E 173 -17.88 -10.49 -9.28
C ASN E 173 -18.86 -9.78 -8.31
N ASN E 174 -18.36 -8.87 -7.44
CA ASN E 174 -19.10 -8.07 -6.44
C ASN E 174 -19.86 -8.91 -5.38
N LYS E 175 -20.00 -10.24 -5.61
CA LYS E 175 -20.64 -11.19 -4.71
C LYS E 175 -19.73 -11.45 -3.50
N TYR E 176 -20.22 -12.14 -2.48
CA TYR E 176 -19.44 -12.37 -1.26
C TYR E 176 -18.88 -13.78 -1.11
N ALA E 177 -17.84 -13.93 -0.28
CA ALA E 177 -17.21 -15.21 0.04
C ALA E 177 -16.87 -15.26 1.53
N ALA E 178 -16.79 -16.48 2.08
CA ALA E 178 -16.44 -16.79 3.46
C ALA E 178 -15.88 -18.20 3.48
N SER E 179 -15.43 -18.65 4.67
CA SER E 179 -14.87 -19.99 4.89
C SER E 179 -14.83 -20.37 6.36
N SER E 180 -15.40 -21.53 6.70
CA SER E 180 -15.32 -22.02 8.08
C SER E 180 -14.46 -23.27 8.13
N TYR E 181 -13.55 -23.30 9.09
CA TYR E 181 -12.61 -24.38 9.31
C TYR E 181 -12.92 -24.99 10.68
N LEU E 182 -13.22 -26.29 10.70
CA LEU E 182 -13.46 -27.02 11.94
C LEU E 182 -12.29 -27.99 12.17
N SER E 183 -11.61 -27.86 13.32
CA SER E 183 -10.49 -28.72 13.66
C SER E 183 -10.93 -29.79 14.61
N LEU E 184 -10.56 -31.04 14.30
CA LEU E 184 -10.87 -32.27 15.02
C LEU E 184 -9.60 -33.11 15.21
N THR E 185 -9.66 -34.09 16.11
CA THR E 185 -8.55 -35.01 16.30
C THR E 185 -8.82 -36.13 15.30
N PRO E 186 -7.83 -36.93 14.83
CA PRO E 186 -8.15 -38.05 13.93
C PRO E 186 -9.22 -39.01 14.52
N GLU E 187 -9.25 -39.16 15.86
CA GLU E 187 -10.20 -40.01 16.55
C GLU E 187 -11.60 -39.36 16.52
N GLN E 188 -11.68 -38.03 16.79
CA GLN E 188 -12.94 -37.26 16.75
C GLN E 188 -13.67 -37.47 15.43
N TRP E 189 -12.92 -37.40 14.31
CA TRP E 189 -13.39 -37.58 12.95
C TRP E 189 -13.93 -39.00 12.70
N LYS E 190 -13.08 -40.03 12.93
CA LYS E 190 -13.39 -41.44 12.72
C LYS E 190 -14.42 -42.04 13.73
N SER E 191 -14.68 -41.36 14.87
CA SER E 191 -15.65 -41.84 15.89
C SER E 191 -17.10 -41.53 15.55
N HIS E 192 -17.32 -40.45 14.79
CA HIS E 192 -18.65 -40.05 14.32
C HIS E 192 -18.95 -40.67 12.98
N ARG E 193 -20.24 -40.76 12.64
CA ARG E 193 -20.70 -41.38 11.40
C ARG E 193 -20.77 -40.40 10.22
N SER E 194 -20.87 -39.06 10.52
CA SER E 194 -20.95 -37.92 9.57
C SER E 194 -20.75 -36.54 10.23
N TYR E 195 -20.47 -35.51 9.39
CA TYR E 195 -20.33 -34.09 9.74
C TYR E 195 -21.05 -33.21 8.71
N SER E 196 -21.58 -32.06 9.16
CA SER E 196 -22.31 -31.16 8.27
C SER E 196 -21.91 -29.69 8.36
N CYS E 197 -22.06 -28.95 7.22
CA CYS E 197 -21.78 -27.52 7.10
C CYS E 197 -23.10 -26.86 6.70
N GLN E 198 -23.69 -26.12 7.64
CA GLN E 198 -24.99 -25.46 7.47
C GLN E 198 -24.87 -23.95 7.47
N VAL E 199 -24.88 -23.40 6.26
CA VAL E 199 -24.78 -21.97 6.09
C VAL E 199 -26.19 -21.41 5.83
N THR E 200 -26.60 -20.50 6.73
CA THR E 200 -27.91 -19.84 6.71
C THR E 200 -27.75 -18.43 6.16
N HIS E 201 -28.46 -18.16 5.06
CA HIS E 201 -28.45 -16.91 4.33
C HIS E 201 -29.88 -16.51 3.96
N GLU E 202 -30.22 -15.22 4.22
CA GLU E 202 -31.51 -14.54 3.95
C GLU E 202 -32.79 -15.31 4.40
N GLY E 203 -32.62 -16.30 5.29
CA GLY E 203 -33.73 -17.10 5.81
C GLY E 203 -33.80 -18.54 5.35
N SER E 204 -32.81 -18.96 4.51
CA SER E 204 -32.71 -20.32 3.98
C SER E 204 -31.33 -20.93 4.24
N THR E 205 -31.30 -22.24 4.44
CA THR E 205 -30.11 -23.01 4.79
C THR E 205 -29.76 -24.09 3.75
N VAL E 206 -28.46 -24.19 3.46
CA VAL E 206 -27.81 -25.17 2.60
C VAL E 206 -26.99 -26.07 3.54
N GLU E 207 -27.02 -27.39 3.30
CA GLU E 207 -26.29 -28.36 4.11
C GLU E 207 -25.31 -29.13 3.21
N LYS E 208 -24.06 -29.30 3.66
CA LYS E 208 -23.06 -30.12 2.98
C LYS E 208 -22.51 -31.12 3.99
N THR E 209 -22.61 -32.42 3.67
CA THR E 209 -22.25 -33.53 4.56
C THR E 209 -21.02 -34.33 4.10
N VAL E 210 -20.19 -34.77 5.06
CA VAL E 210 -19.02 -35.63 4.83
C VAL E 210 -18.96 -36.75 5.88
N ALA E 211 -18.56 -37.97 5.48
CA ALA E 211 -18.43 -39.13 6.37
C ALA E 211 -17.05 -39.79 6.25
N PRO E 212 -16.41 -40.23 7.38
CA PRO E 212 -15.08 -40.87 7.28
C PRO E 212 -15.05 -42.01 6.26
N THR E 213 -14.46 -41.74 5.08
CA THR E 213 -14.33 -42.64 3.91
C THR E 213 -15.71 -43.19 3.45
#